data_3FHK
#
_entry.id   3FHK
#
_cell.length_a   68.161
_cell.length_b   68.161
_cell.length_c   302.024
_cell.angle_alpha   90.00
_cell.angle_beta   90.00
_cell.angle_gamma   90.00
#
_symmetry.space_group_name_H-M   'P 41 21 2'
#
loop_
_entity.id
_entity.type
_entity.pdbx_description
1 polymer 'UPF0403 protein yphP'
2 non-polymer 'SULFATE ION'
3 water water
#
_entity_poly.entity_id   1
_entity_poly.type   'polypeptide(L)'
_entity_poly.pdbx_seq_one_letter_code
;SNAMSMAYEEYMRQLVVPMRRELTGAGFEELTTAEEVENFMEKAEGTTLVVVNSVCGCAAGLARPAATQAVLQNDKTPDN
TVTVFAGQDKEATAKMREYFTGAAPSSPSMALLKGKEVVHFIPRHEIEGHDMEEIMKNLTAAFDAHC
;
_entity_poly.pdbx_strand_id   A,D,E,F
#
loop_
_chem_comp.id
_chem_comp.type
_chem_comp.name
_chem_comp.formula
SO4 non-polymer 'SULFATE ION' 'O4 S -2'
#
# COMPACT_ATOMS: atom_id res chain seq x y z
N SER A 1 -9.11 -4.76 5.73
CA SER A 1 -9.04 -5.94 6.59
C SER A 1 -7.69 -6.04 7.29
N ASN A 2 -7.55 -7.05 8.14
CA ASN A 2 -6.36 -7.16 8.96
C ASN A 2 -5.13 -7.63 8.20
N ALA A 3 -5.34 -8.43 7.16
CA ALA A 3 -4.24 -8.87 6.30
C ALA A 3 -3.34 -7.70 5.86
N MET A 4 -3.94 -6.71 5.21
N MET A 4 -3.94 -6.70 5.24
CA MET A 4 -3.19 -5.53 4.80
CA MET A 4 -3.17 -5.55 4.79
C MET A 4 -2.57 -4.87 6.02
C MET A 4 -2.60 -4.79 6.00
N SER A 5 -3.36 -4.76 7.10
CA SER A 5 -2.90 -4.13 8.33
C SER A 5 -1.76 -4.88 9.02
N MET A 6 -1.84 -6.21 9.04
CA MET A 6 -0.75 -7.03 9.56
C MET A 6 0.52 -6.70 8.78
N ALA A 7 0.43 -6.74 7.46
CA ALA A 7 1.56 -6.47 6.57
C ALA A 7 2.16 -5.09 6.81
N TYR A 8 1.29 -4.09 6.97
CA TYR A 8 1.75 -2.74 7.20
C TYR A 8 2.57 -2.65 8.47
N GLU A 9 2.06 -3.25 9.55
CA GLU A 9 2.76 -3.20 10.83
C GLU A 9 4.08 -3.95 10.79
N GLU A 10 4.09 -5.10 10.12
CA GLU A 10 5.31 -5.87 9.99
C GLU A 10 6.37 -5.05 9.24
N TYR A 11 5.93 -4.38 8.19
CA TYR A 11 6.84 -3.58 7.41
C TYR A 11 7.40 -2.42 8.24
N MET A 12 6.52 -1.71 8.95
CA MET A 12 6.97 -0.63 9.83
C MET A 12 7.84 -1.16 10.97
N ARG A 13 7.50 -2.33 11.47
CA ARG A 13 8.33 -3.01 12.45
C ARG A 13 9.77 -3.20 11.93
N GLN A 14 9.89 -3.66 10.69
CA GLN A 14 11.21 -3.94 10.15
C GLN A 14 12.01 -2.67 9.92
N LEU A 15 11.35 -1.61 9.48
CA LEU A 15 12.00 -0.34 9.19
C LEU A 15 12.42 0.36 10.47
N VAL A 16 11.76 0.00 11.57
CA VAL A 16 12.02 0.64 12.83
C VAL A 16 13.22 0.01 13.57
N VAL A 17 13.59 -1.20 13.15
CA VAL A 17 14.68 -1.94 13.79
C VAL A 17 15.99 -1.14 13.90
N PRO A 18 16.50 -0.64 12.77
CA PRO A 18 17.73 0.15 12.88
C PRO A 18 17.53 1.38 13.76
N MET A 19 16.30 1.86 13.89
CA MET A 19 16.02 2.99 14.76
C MET A 19 16.14 2.58 16.22
N ARG A 20 15.91 1.30 16.52
CA ARG A 20 16.14 0.76 17.86
C ARG A 20 17.61 0.46 18.09
N ARG A 21 18.19 -0.33 17.20
CA ARG A 21 19.58 -0.75 17.33
C ARG A 21 20.52 0.44 17.49
N GLU A 22 20.18 1.56 16.87
CA GLU A 22 20.98 2.77 17.04
C GLU A 22 21.22 3.06 18.52
N LEU A 23 20.19 2.91 19.36
CA LEU A 23 20.35 3.09 20.81
C LEU A 23 20.82 1.82 21.51
N THR A 24 20.23 0.68 21.17
CA THR A 24 20.47 -0.55 21.93
C THR A 24 21.88 -1.07 21.69
N GLY A 25 22.37 -0.88 20.47
CA GLY A 25 23.73 -1.24 20.16
C GLY A 25 24.71 -0.33 20.87
N ALA A 26 24.20 0.72 21.49
CA ALA A 26 25.04 1.63 22.26
C ALA A 26 24.85 1.42 23.77
N GLY A 27 24.29 0.28 24.15
CA GLY A 27 24.14 -0.04 25.55
C GLY A 27 22.84 0.49 26.20
N PHE A 28 21.99 1.18 25.45
CA PHE A 28 20.67 1.56 25.98
C PHE A 28 19.74 0.34 25.97
N GLU A 29 19.26 -0.01 27.16
CA GLU A 29 18.32 -1.12 27.30
C GLU A 29 16.92 -0.73 26.88
N GLU A 30 16.34 -1.56 26.01
CA GLU A 30 14.98 -1.39 25.56
C GLU A 30 13.99 -1.82 26.63
N LEU A 31 13.02 -0.95 26.93
CA LEU A 31 11.88 -1.39 27.72
C LEU A 31 10.67 -1.32 26.80
N THR A 32 10.18 -2.47 26.39
CA THR A 32 9.21 -2.56 25.31
C THR A 32 7.82 -2.89 25.83
N THR A 33 7.72 -2.95 27.15
CA THR A 33 6.54 -3.45 27.83
C THR A 33 6.30 -2.66 29.11
N ALA A 34 5.03 -2.41 29.42
CA ALA A 34 4.68 -1.67 30.62
C ALA A 34 5.26 -2.36 31.86
N GLU A 35 5.29 -3.68 31.83
CA GLU A 35 5.83 -4.47 32.93
C GLU A 35 7.35 -4.29 33.04
N GLU A 36 8.04 -4.31 31.90
CA GLU A 36 9.47 -4.06 31.86
C GLU A 36 9.83 -2.67 32.39
N VAL A 37 8.98 -1.68 32.09
CA VAL A 37 9.22 -0.33 32.57
C VAL A 37 9.08 -0.29 34.10
N GLU A 38 8.02 -0.89 34.61
CA GLU A 38 7.82 -0.97 36.06
C GLU A 38 8.99 -1.66 36.72
N ASN A 39 9.35 -2.82 36.18
CA ASN A 39 10.48 -3.60 36.68
C ASN A 39 11.73 -2.77 36.82
N PHE A 40 12.15 -2.12 35.75
CA PHE A 40 13.34 -1.31 35.80
C PHE A 40 13.18 -0.16 36.80
N MET A 41 12.14 0.66 36.61
CA MET A 41 11.96 1.86 37.42
C MET A 41 11.84 1.58 38.92
N GLU A 42 11.17 0.49 39.30
CA GLU A 42 11.04 0.17 40.72
C GLU A 42 12.33 -0.39 41.36
N LYS A 43 13.33 -0.67 40.54
CA LYS A 43 14.60 -1.21 41.06
C LYS A 43 15.77 -0.27 40.77
N ALA A 44 15.57 0.67 39.86
CA ALA A 44 16.66 1.54 39.42
C ALA A 44 17.38 2.22 40.58
N GLU A 45 18.70 2.20 40.51
CA GLU A 45 19.54 2.86 41.50
C GLU A 45 20.55 3.77 40.81
N GLY A 46 20.88 4.87 41.47
CA GLY A 46 21.82 5.83 40.93
C GLY A 46 21.18 6.61 39.80
N THR A 47 21.99 7.03 38.85
CA THR A 47 21.47 7.87 37.77
C THR A 47 21.11 7.08 36.52
N THR A 48 20.08 7.56 35.84
CA THR A 48 19.61 6.95 34.61
C THR A 48 19.31 7.99 33.55
N LEU A 49 19.79 7.74 32.34
CA LEU A 49 19.34 8.49 31.17
C LEU A 49 18.27 7.68 30.47
N VAL A 50 17.08 8.26 30.39
CA VAL A 50 15.98 7.65 29.68
C VAL A 50 15.85 8.42 28.38
N VAL A 51 15.79 7.69 27.28
CA VAL A 51 15.52 8.32 26.00
C VAL A 51 14.17 7.86 25.49
N VAL A 52 13.29 8.82 25.27
CA VAL A 52 12.03 8.51 24.63
C VAL A 52 12.22 8.64 23.13
N ASN A 53 12.32 7.49 22.48
CA ASN A 53 12.69 7.41 21.07
C ASN A 53 11.48 7.69 20.20
N SER A 54 11.71 7.88 18.90
CA SER A 54 10.66 8.26 17.96
C SER A 54 11.13 8.05 16.53
N VAL A 55 10.19 7.95 15.58
CA VAL A 55 10.52 7.74 14.17
C VAL A 55 10.91 9.02 13.42
N CYS A 56 10.52 10.17 13.98
N CYS A 56 10.57 10.16 14.03
CA CYS A 56 10.66 11.42 13.25
CA CYS A 56 10.73 11.48 13.41
C CYS A 56 12.12 11.81 13.00
C CYS A 56 12.17 11.80 13.00
N GLY A 57 12.32 12.71 12.04
CA GLY A 57 13.63 13.13 11.63
C GLY A 57 14.50 13.63 12.76
N CYS A 58 13.91 14.36 13.70
CA CYS A 58 14.74 15.00 14.71
C CYS A 58 15.18 14.05 15.83
N ALA A 59 14.51 12.91 15.95
CA ALA A 59 15.01 11.80 16.75
C ALA A 59 16.27 11.21 16.10
N ALA A 60 16.21 11.05 14.77
CA ALA A 60 17.31 10.52 13.97
C ALA A 60 18.49 11.49 13.89
N GLY A 61 18.20 12.75 13.64
CA GLY A 61 19.24 13.73 13.40
C GLY A 61 19.81 14.39 14.64
N LEU A 62 19.08 14.35 15.74
CA LEU A 62 19.52 15.08 16.94
C LEU A 62 19.52 14.23 18.21
N ALA A 63 18.35 13.69 18.55
CA ALA A 63 18.17 13.07 19.85
C ALA A 63 19.04 11.82 20.04
N ARG A 64 18.89 10.82 19.15
CA ARG A 64 19.65 9.58 19.28
C ARG A 64 21.17 9.84 19.24
N PRO A 65 21.63 10.60 18.23
CA PRO A 65 23.08 10.83 18.15
C PRO A 65 23.60 11.57 19.38
N ALA A 66 22.84 12.55 19.85
CA ALA A 66 23.28 13.36 21.00
C ALA A 66 23.36 12.52 22.27
N ALA A 67 22.36 11.67 22.46
CA ALA A 67 22.26 10.83 23.65
C ALA A 67 23.43 9.84 23.72
N THR A 68 23.71 9.18 22.61
CA THR A 68 24.72 8.13 22.60
C THR A 68 26.14 8.72 22.68
N GLN A 69 26.33 9.89 22.08
CA GLN A 69 27.62 10.56 22.10
C GLN A 69 27.91 11.21 23.44
N ALA A 70 26.90 11.84 24.04
CA ALA A 70 27.09 12.46 25.35
C ALA A 70 27.53 11.42 26.36
N VAL A 71 26.89 10.25 26.27
CA VAL A 71 27.15 9.15 27.20
C VAL A 71 28.53 8.51 27.04
N LEU A 72 29.04 8.52 25.81
CA LEU A 72 30.31 7.88 25.52
C LEU A 72 31.48 8.84 25.70
N GLN A 73 31.19 10.13 25.56
CA GLN A 73 32.24 11.14 25.52
C GLN A 73 32.50 11.86 26.85
N ASN A 74 31.48 11.94 27.70
CA ASN A 74 31.59 12.69 28.94
C ASN A 74 32.30 11.91 30.03
N ASP A 75 33.12 12.59 30.81
CA ASP A 75 33.75 11.95 31.97
C ASP A 75 32.69 11.47 32.95
N LYS A 76 31.85 12.39 33.43
CA LYS A 76 30.74 12.03 34.30
C LYS A 76 29.56 11.53 33.49
N THR A 77 29.06 10.34 33.82
CA THR A 77 28.05 9.68 33.01
C THR A 77 27.03 8.91 33.87
N PRO A 78 25.81 8.70 33.33
CA PRO A 78 24.79 7.98 34.11
C PRO A 78 25.17 6.53 34.34
N ASP A 79 24.72 5.97 35.45
CA ASP A 79 24.92 4.56 35.74
C ASP A 79 24.10 3.67 34.81
N ASN A 80 22.90 4.12 34.43
CA ASN A 80 22.03 3.35 33.55
C ASN A 80 21.56 4.15 32.34
N THR A 81 21.25 3.43 31.27
CA THR A 81 20.71 4.01 30.05
C THR A 81 19.62 3.11 29.53
N VAL A 82 18.47 3.67 29.24
CA VAL A 82 17.35 2.86 28.80
C VAL A 82 16.50 3.69 27.86
N THR A 83 15.65 3.01 27.10
CA THR A 83 14.84 3.73 26.16
C THR A 83 13.48 3.08 26.01
N VAL A 84 12.50 3.93 25.71
CA VAL A 84 11.19 3.47 25.31
C VAL A 84 10.93 4.13 23.97
N PHE A 85 10.22 3.44 23.10
CA PHE A 85 10.00 3.90 21.74
C PHE A 85 8.58 4.40 21.55
N ALA A 86 8.42 5.72 21.62
CA ALA A 86 7.07 6.30 21.49
C ALA A 86 6.44 5.95 20.15
N GLY A 87 5.15 5.65 20.15
CA GLY A 87 4.45 5.41 18.90
C GLY A 87 4.58 3.97 18.43
N GLN A 88 5.64 3.29 18.86
CA GLN A 88 5.86 1.90 18.51
C GLN A 88 5.56 0.97 19.68
N ASP A 89 6.15 1.26 20.84
CA ASP A 89 5.82 0.55 22.07
C ASP A 89 4.99 1.49 22.95
N LYS A 90 3.69 1.56 22.68
CA LYS A 90 2.83 2.56 23.31
C LYS A 90 2.66 2.38 24.82
N GLU A 91 2.48 1.13 25.26
CA GLU A 91 2.21 0.90 26.67
C GLU A 91 3.46 1.14 27.48
N ALA A 92 4.60 0.74 26.91
CA ALA A 92 5.88 1.01 27.53
C ALA A 92 6.06 2.51 27.75
N THR A 93 5.93 3.31 26.70
CA THR A 93 6.19 4.76 26.88
C THR A 93 5.14 5.45 27.76
N ALA A 94 3.87 5.05 27.67
CA ALA A 94 2.82 5.58 28.55
C ALA A 94 3.13 5.31 30.03
N LYS A 95 3.64 4.13 30.30
CA LYS A 95 4.10 3.74 31.63
C LYS A 95 5.34 4.54 32.09
N MET A 96 6.33 4.69 31.23
N MET A 96 6.33 4.69 31.23
CA MET A 96 7.49 5.49 31.59
CA MET A 96 7.51 5.49 31.58
C MET A 96 7.07 6.92 31.90
C MET A 96 7.09 6.93 31.89
N ARG A 97 6.19 7.48 31.08
CA ARG A 97 5.79 8.86 31.24
C ARG A 97 5.07 9.11 32.57
N GLU A 98 4.42 8.08 33.12
CA GLU A 98 3.77 8.20 34.41
C GLU A 98 4.74 8.62 35.51
N TYR A 99 6.02 8.32 35.32
CA TYR A 99 7.06 8.62 36.29
C TYR A 99 7.59 10.05 36.15
N PHE A 100 7.35 10.67 34.99
CA PHE A 100 7.86 12.00 34.70
C PHE A 100 6.91 13.07 35.24
N THR A 101 6.71 13.08 36.56
CA THR A 101 5.73 13.97 37.20
C THR A 101 5.98 15.42 36.81
N GLY A 102 4.93 16.08 36.36
CA GLY A 102 5.04 17.46 35.96
C GLY A 102 5.19 17.64 34.47
N ALA A 103 5.80 16.65 33.81
CA ALA A 103 6.09 16.76 32.39
C ALA A 103 4.91 16.43 31.49
N ALA A 104 4.76 17.17 30.41
CA ALA A 104 3.83 16.78 29.36
C ALA A 104 4.51 15.74 28.48
N PRO A 105 3.71 14.94 27.75
CA PRO A 105 4.32 13.97 26.82
C PRO A 105 4.88 14.67 25.58
N SER A 106 6.05 14.24 25.14
CA SER A 106 6.59 14.66 23.86
C SER A 106 7.62 13.65 23.38
N SER A 107 7.99 13.74 22.11
CA SER A 107 8.75 12.70 21.45
C SER A 107 9.51 13.30 20.26
N PRO A 108 10.84 13.10 20.19
CA PRO A 108 11.67 12.42 21.18
C PRO A 108 11.81 13.30 22.40
N SER A 109 12.19 12.72 23.52
CA SER A 109 12.52 13.52 24.69
C SER A 109 13.46 12.71 25.57
N MET A 110 14.03 13.32 26.58
CA MET A 110 15.00 12.63 27.43
C MET A 110 14.81 13.01 28.91
N ALA A 111 14.98 12.04 29.79
CA ALA A 111 15.01 12.34 31.21
C ALA A 111 16.24 11.75 31.89
N LEU A 112 16.88 12.57 32.72
CA LEU A 112 17.90 12.13 33.65
C LEU A 112 17.21 11.86 34.99
N LEU A 113 17.33 10.63 35.47
CA LEU A 113 16.74 10.22 36.76
C LEU A 113 17.78 10.07 37.84
N LYS A 114 17.36 10.32 39.08
CA LYS A 114 18.08 9.85 40.26
C LYS A 114 17.06 8.93 40.92
N GLY A 115 17.41 7.66 41.10
CA GLY A 115 16.40 6.66 41.41
C GLY A 115 15.37 6.67 40.30
N LYS A 116 14.10 6.83 40.66
CA LYS A 116 13.06 6.97 39.64
C LYS A 116 12.51 8.41 39.56
N GLU A 117 13.23 9.35 40.17
CA GLU A 117 12.83 10.75 40.14
C GLU A 117 13.58 11.52 39.04
N VAL A 118 12.85 12.31 38.25
CA VAL A 118 13.48 13.16 37.24
C VAL A 118 14.27 14.28 37.89
N VAL A 119 15.55 14.42 37.52
CA VAL A 119 16.34 15.55 38.00
C VAL A 119 16.70 16.48 36.84
N HIS A 120 16.50 16.01 35.62
CA HIS A 120 16.67 16.88 34.46
C HIS A 120 15.87 16.36 33.27
N PHE A 121 15.16 17.24 32.60
CA PHE A 121 14.25 16.84 31.55
C PHE A 121 14.58 17.60 30.28
N ILE A 122 14.53 16.93 29.14
CA ILE A 122 14.73 17.57 27.86
C ILE A 122 13.56 17.27 26.96
N PRO A 123 12.57 18.17 26.91
CA PRO A 123 11.39 17.91 26.09
C PRO A 123 11.73 18.09 24.61
N ARG A 124 10.83 17.66 23.74
CA ARG A 124 11.03 17.81 22.31
C ARG A 124 11.46 19.22 21.86
N HIS A 125 10.88 20.25 22.46
CA HIS A 125 11.17 21.62 22.02
C HIS A 125 12.58 22.07 22.40
N GLU A 126 13.24 21.29 23.23
CA GLU A 126 14.60 21.57 23.66
C GLU A 126 15.53 20.84 22.72
N ILE A 127 14.94 20.05 21.85
CA ILE A 127 15.69 19.22 20.90
C ILE A 127 15.48 19.71 19.46
N GLU A 128 14.23 19.70 19.02
CA GLU A 128 13.89 20.17 17.69
C GLU A 128 14.33 21.62 17.51
N GLY A 129 14.84 21.93 16.32
CA GLY A 129 15.26 23.28 16.01
C GLY A 129 16.60 23.68 16.57
N HIS A 130 17.19 22.82 17.41
CA HIS A 130 18.53 23.07 17.95
C HIS A 130 19.55 22.20 17.22
N ASP A 131 20.84 22.42 17.47
CA ASP A 131 21.84 21.54 16.86
C ASP A 131 22.52 20.65 17.89
N MET A 132 23.15 19.59 17.40
CA MET A 132 23.88 18.63 18.23
C MET A 132 24.66 19.29 19.35
N GLU A 133 25.54 20.20 18.98
CA GLU A 133 26.41 20.84 19.97
C GLU A 133 25.60 21.34 21.17
N GLU A 134 24.51 22.04 20.89
CA GLU A 134 23.65 22.58 21.95
C GLU A 134 23.08 21.47 22.80
N ILE A 135 22.59 20.42 22.14
CA ILE A 135 21.89 19.36 22.85
C ILE A 135 22.84 18.52 23.70
N MET A 136 24.02 18.22 23.15
CA MET A 136 24.99 17.45 23.92
C MET A 136 25.51 18.25 25.12
N LYS A 137 25.70 19.56 24.93
CA LYS A 137 26.08 20.44 26.02
C LYS A 137 25.00 20.44 27.08
N ASN A 138 23.75 20.32 26.64
CA ASN A 138 22.62 20.22 27.55
C ASN A 138 22.76 18.96 28.40
N LEU A 139 22.91 17.82 27.74
CA LEU A 139 23.05 16.54 28.42
C LEU A 139 24.26 16.51 29.35
N THR A 140 25.42 16.93 28.83
CA THR A 140 26.66 16.80 29.59
C THR A 140 26.71 17.71 30.82
N ALA A 141 26.14 18.90 30.69
CA ALA A 141 26.04 19.81 31.82
C ALA A 141 25.13 19.21 32.89
N ALA A 142 24.13 18.45 32.44
CA ALA A 142 23.25 17.73 33.35
C ALA A 142 24.00 16.56 33.99
N PHE A 143 24.77 15.80 33.19
CA PHE A 143 25.58 14.71 33.75
C PHE A 143 26.52 15.23 34.81
N ASP A 144 27.14 16.37 34.56
CA ASP A 144 28.08 16.94 35.49
C ASP A 144 27.38 17.43 36.77
N ALA A 145 26.16 17.92 36.62
CA ALA A 145 25.42 18.41 37.77
C ALA A 145 24.95 17.26 38.66
N HIS A 146 24.68 16.10 38.06
CA HIS A 146 23.94 15.05 38.78
C HIS A 146 24.63 13.70 38.87
N CYS A 147 25.49 13.40 37.91
CA CYS A 147 26.11 12.08 37.85
C CYS A 147 27.44 12.06 38.59
N MET B 4 14.03 -8.20 6.17
CA MET B 4 13.47 -7.02 5.54
C MET B 4 12.87 -7.29 4.15
N SER B 5 13.61 -8.02 3.32
CA SER B 5 13.16 -8.35 1.97
C SER B 5 11.74 -8.96 1.99
N MET B 6 11.55 -9.93 2.87
CA MET B 6 10.26 -10.60 3.05
C MET B 6 9.17 -9.59 3.36
N ALA B 7 9.39 -8.80 4.41
CA ALA B 7 8.44 -7.79 4.84
C ALA B 7 8.06 -6.82 3.71
N TYR B 8 9.04 -6.45 2.88
CA TYR B 8 8.76 -5.53 1.79
C TYR B 8 7.96 -6.15 0.64
N GLU B 9 8.48 -7.24 0.09
CA GLU B 9 7.78 -7.91 -0.99
C GLU B 9 6.41 -8.33 -0.49
N GLU B 10 6.35 -8.77 0.76
CA GLU B 10 5.08 -9.07 1.40
C GLU B 10 4.21 -7.83 1.50
N TYR B 11 4.84 -6.69 1.79
CA TYR B 11 4.12 -5.45 1.87
C TYR B 11 3.41 -5.12 0.56
N MET B 12 4.16 -5.09 -0.54
CA MET B 12 3.58 -4.79 -1.83
C MET B 12 2.58 -5.85 -2.27
N ARG B 13 2.85 -7.09 -1.91
CA ARG B 13 1.97 -8.19 -2.25
C ARG B 13 0.58 -7.97 -1.64
N GLN B 14 0.55 -7.47 -0.40
CA GLN B 14 -0.72 -7.16 0.24
C GLN B 14 -1.38 -5.91 -0.33
N LEU B 15 -0.63 -4.81 -0.37
CA LEU B 15 -1.21 -3.54 -0.77
C LEU B 15 -1.66 -3.45 -2.23
N VAL B 16 -1.14 -4.31 -3.11
CA VAL B 16 -1.60 -4.27 -4.51
C VAL B 16 -2.80 -5.17 -4.76
N VAL B 17 -3.15 -5.99 -3.77
CA VAL B 17 -4.31 -6.87 -3.86
C VAL B 17 -5.56 -6.18 -4.41
N PRO B 18 -5.94 -5.02 -3.83
CA PRO B 18 -7.14 -4.29 -4.29
C PRO B 18 -7.07 -3.90 -5.77
N MET B 19 -5.92 -3.39 -6.23
CA MET B 19 -5.72 -3.03 -7.63
CA MET B 19 -5.75 -3.03 -7.63
C MET B 19 -5.84 -4.25 -8.54
N ARG B 20 -5.57 -5.43 -7.98
CA ARG B 20 -5.80 -6.67 -8.71
C ARG B 20 -7.29 -6.98 -8.74
N ARG B 21 -7.92 -6.87 -7.57
CA ARG B 21 -9.34 -7.20 -7.41
C ARG B 21 -10.25 -6.35 -8.30
N GLU B 22 -9.86 -5.10 -8.55
CA GLU B 22 -10.68 -4.25 -9.40
C GLU B 22 -10.91 -4.95 -10.74
N LEU B 23 -9.88 -5.61 -11.25
CA LEU B 23 -9.96 -6.29 -12.53
C LEU B 23 -10.56 -7.69 -12.41
N THR B 24 -10.15 -8.46 -11.41
CA THR B 24 -10.70 -9.80 -11.28
C THR B 24 -12.17 -9.71 -10.88
N GLY B 25 -12.52 -8.62 -10.18
CA GLY B 25 -13.89 -8.39 -9.76
C GLY B 25 -14.74 -8.00 -10.95
N ALA B 26 -14.12 -7.92 -12.12
CA ALA B 26 -14.81 -7.55 -13.33
C ALA B 26 -14.74 -8.71 -14.30
N GLY B 27 -14.10 -9.79 -13.85
CA GLY B 27 -14.06 -11.02 -14.62
C GLY B 27 -12.78 -11.17 -15.41
N PHE B 28 -11.85 -10.24 -15.22
CA PHE B 28 -10.55 -10.34 -15.87
C PHE B 28 -9.76 -11.46 -15.21
N GLU B 29 -9.15 -12.29 -16.04
CA GLU B 29 -8.31 -13.36 -15.55
C GLU B 29 -6.87 -12.85 -15.43
N GLU B 30 -6.25 -13.18 -14.31
CA GLU B 30 -4.91 -12.72 -14.00
C GLU B 30 -3.89 -13.73 -14.51
N LEU B 31 -2.94 -13.25 -15.33
CA LEU B 31 -1.85 -14.10 -15.79
C LEU B 31 -0.58 -13.58 -15.12
N THR B 32 -0.02 -14.38 -14.23
CA THR B 32 1.03 -13.91 -13.32
C THR B 32 2.45 -14.39 -13.64
N THR B 33 2.57 -15.29 -14.61
CA THR B 33 3.88 -15.81 -15.01
C THR B 33 4.00 -15.77 -16.53
N ALA B 34 5.23 -15.69 -17.01
CA ALA B 34 5.48 -15.81 -18.44
C ALA B 34 4.77 -17.07 -18.98
N GLU B 35 4.92 -18.17 -18.25
CA GLU B 35 4.28 -19.44 -18.60
C GLU B 35 2.77 -19.33 -18.79
N GLU B 36 2.10 -18.70 -17.84
CA GLU B 36 0.66 -18.50 -17.94
C GLU B 36 0.28 -17.67 -19.16
N VAL B 37 1.06 -16.61 -19.43
CA VAL B 37 0.83 -15.78 -20.60
C VAL B 37 0.93 -16.60 -21.89
N GLU B 38 2.03 -17.34 -22.05
CA GLU B 38 2.24 -18.20 -23.22
C GLU B 38 1.12 -19.21 -23.36
N ASN B 39 0.73 -19.80 -22.25
CA ASN B 39 -0.35 -20.78 -22.27
C ASN B 39 -1.66 -20.17 -22.73
N PHE B 40 -1.98 -18.99 -22.24
CA PHE B 40 -3.23 -18.37 -22.65
C PHE B 40 -3.25 -17.94 -24.12
N MET B 41 -2.16 -17.32 -24.57
CA MET B 41 -2.14 -16.76 -25.94
C MET B 41 -2.15 -17.88 -26.99
N GLU B 42 -1.52 -19.00 -26.66
CA GLU B 42 -1.53 -20.16 -27.55
C GLU B 42 -2.91 -20.81 -27.68
N LYS B 43 -3.66 -20.88 -26.58
CA LYS B 43 -5.00 -21.45 -26.62
C LYS B 43 -6.06 -20.44 -27.05
N ALA B 44 -5.81 -19.17 -26.78
CA ALA B 44 -6.83 -18.12 -26.95
C ALA B 44 -7.60 -18.19 -28.27
N GLU B 45 -8.92 -18.09 -28.18
CA GLU B 45 -9.79 -18.07 -29.36
C GLU B 45 -10.67 -16.83 -29.32
N GLY B 46 -10.87 -16.23 -30.48
CA GLY B 46 -11.70 -15.05 -30.60
C GLY B 46 -11.00 -13.79 -30.14
N THR B 47 -11.78 -12.86 -29.60
CA THR B 47 -11.24 -11.59 -29.20
C THR B 47 -10.87 -11.57 -27.74
N THR B 48 -9.89 -10.73 -27.39
CA THR B 48 -9.42 -10.62 -26.04
C THR B 48 -9.03 -9.18 -25.73
N LEU B 49 -9.53 -8.68 -24.62
CA LEU B 49 -9.03 -7.44 -24.07
C LEU B 49 -7.92 -7.75 -23.07
N VAL B 50 -6.72 -7.28 -23.37
CA VAL B 50 -5.62 -7.35 -22.42
C VAL B 50 -5.45 -6.01 -21.74
N VAL B 51 -5.61 -5.99 -20.43
CA VAL B 51 -5.29 -4.79 -19.66
C VAL B 51 -3.92 -4.93 -19.00
N VAL B 52 -2.97 -4.09 -19.41
CA VAL B 52 -1.68 -3.98 -18.73
C VAL B 52 -1.86 -3.08 -17.51
N ASN B 53 -1.99 -3.70 -16.35
CA ASN B 53 -2.27 -2.96 -15.12
C ASN B 53 -1.01 -2.29 -14.61
N SER B 54 -1.18 -1.31 -13.72
CA SER B 54 -0.05 -0.74 -13.00
C SER B 54 -0.53 -0.01 -11.76
N VAL B 55 0.42 0.40 -10.92
CA VAL B 55 0.11 0.95 -9.60
CA VAL B 55 0.13 0.96 -9.60
C VAL B 55 -0.06 2.49 -9.60
N CYS B 56 -0.24 3.09 -10.77
CA CYS B 56 -0.36 4.55 -10.83
C CYS B 56 -1.81 5.07 -10.77
N GLY B 57 -1.95 6.38 -10.70
CA GLY B 57 -3.24 7.03 -10.55
C GLY B 57 -4.15 7.00 -11.77
N CYS B 58 -3.57 7.03 -12.96
CA CYS B 58 -4.41 6.96 -14.15
C CYS B 58 -4.94 5.54 -14.38
N ALA B 59 -4.18 4.55 -13.92
CA ALA B 59 -4.69 3.18 -13.93
C ALA B 59 -5.92 3.09 -13.03
N ALA B 60 -5.81 3.71 -11.87
CA ALA B 60 -6.87 3.68 -10.86
C ALA B 60 -8.12 4.43 -11.29
N GLY B 61 -7.92 5.67 -11.74
CA GLY B 61 -9.01 6.57 -12.03
C GLY B 61 -9.47 6.59 -13.47
N LEU B 62 -8.74 5.91 -14.34
CA LEU B 62 -9.10 5.90 -15.77
C LEU B 62 -9.13 4.52 -16.40
N ALA B 63 -7.97 3.87 -16.52
CA ALA B 63 -7.89 2.63 -17.27
C ALA B 63 -8.78 1.52 -16.69
N ARG B 64 -8.55 1.15 -15.44
CA ARG B 64 -9.29 0.03 -14.85
C ARG B 64 -10.79 0.25 -14.88
N PRO B 65 -11.24 1.44 -14.46
CA PRO B 65 -12.68 1.72 -14.51
C PRO B 65 -13.18 1.68 -15.96
N ALA B 66 -12.38 2.19 -16.88
CA ALA B 66 -12.78 2.24 -18.29
C ALA B 66 -12.90 0.85 -18.87
N ALA B 67 -11.91 0.00 -18.59
CA ALA B 67 -11.90 -1.34 -19.16
C ALA B 67 -13.09 -2.13 -18.64
N THR B 68 -13.25 -2.12 -17.30
CA THR B 68 -14.30 -2.89 -16.63
C THR B 68 -15.72 -2.50 -17.02
N GLN B 69 -16.00 -1.20 -17.12
CA GLN B 69 -17.31 -0.75 -17.53
C GLN B 69 -17.57 -1.19 -18.96
N ALA B 70 -16.61 -0.92 -19.86
CA ALA B 70 -16.75 -1.26 -21.27
C ALA B 70 -17.23 -2.69 -21.48
N VAL B 71 -16.48 -3.67 -20.96
CA VAL B 71 -16.85 -5.06 -21.15
C VAL B 71 -18.21 -5.35 -20.51
N LEU B 72 -18.48 -4.74 -19.36
CA LEU B 72 -19.72 -5.00 -18.65
C LEU B 72 -20.94 -4.42 -19.38
N GLN B 73 -20.81 -3.20 -19.88
CA GLN B 73 -21.99 -2.49 -20.42
C GLN B 73 -22.06 -2.38 -21.94
N ASN B 74 -21.03 -2.78 -22.66
CA ASN B 74 -21.11 -2.78 -24.11
C ASN B 74 -21.80 -4.03 -24.62
N ASP B 75 -22.56 -3.88 -25.71
CA ASP B 75 -23.31 -5.00 -26.26
C ASP B 75 -22.39 -6.05 -26.87
N LYS B 76 -21.40 -5.58 -27.64
N LYS B 76 -21.39 -5.57 -27.61
CA LYS B 76 -20.37 -6.48 -28.16
CA LYS B 76 -20.36 -6.45 -28.18
C LYS B 76 -19.13 -6.39 -27.28
C LYS B 76 -19.13 -6.39 -27.26
N THR B 77 -18.55 -7.55 -26.96
CA THR B 77 -17.45 -7.61 -26.00
C THR B 77 -16.45 -8.70 -26.33
N PRO B 78 -15.22 -8.58 -25.80
CA PRO B 78 -14.23 -9.62 -26.04
C PRO B 78 -14.70 -10.96 -25.46
N ASP B 79 -14.30 -12.06 -26.10
CA ASP B 79 -14.58 -13.40 -25.58
C ASP B 79 -13.72 -13.70 -24.36
N ASN B 80 -12.57 -13.04 -24.27
CA ASN B 80 -11.66 -13.20 -23.15
C ASN B 80 -11.27 -11.84 -22.57
N THR B 81 -11.02 -11.82 -21.27
CA THR B 81 -10.57 -10.61 -20.59
C THR B 81 -9.45 -11.05 -19.65
N VAL B 82 -8.24 -10.54 -19.89
CA VAL B 82 -7.10 -10.91 -19.07
C VAL B 82 -6.24 -9.69 -18.80
N THR B 83 -5.38 -9.80 -17.79
CA THR B 83 -4.55 -8.68 -17.41
C THR B 83 -3.20 -9.16 -16.94
N VAL B 84 -2.17 -8.37 -17.25
CA VAL B 84 -0.85 -8.55 -16.67
C VAL B 84 -0.54 -7.30 -15.85
N PHE B 85 0.07 -7.50 -14.69
CA PHE B 85 0.36 -6.40 -13.78
C PHE B 85 1.76 -5.87 -14.00
N ALA B 86 1.89 -4.79 -14.78
CA ALA B 86 3.19 -4.16 -15.01
C ALA B 86 3.89 -3.82 -13.69
N GLY B 87 5.16 -4.20 -13.58
CA GLY B 87 5.97 -3.81 -12.45
C GLY B 87 5.81 -4.71 -11.24
N GLN B 88 4.67 -5.41 -11.16
CA GLN B 88 4.41 -6.32 -10.06
C GLN B 88 4.64 -7.77 -10.50
N ASP B 89 4.10 -8.09 -11.67
CA ASP B 89 4.38 -9.36 -12.31
C ASP B 89 5.21 -9.08 -13.56
N LYS B 90 6.48 -8.75 -13.34
CA LYS B 90 7.38 -8.28 -14.39
C LYS B 90 7.48 -9.22 -15.58
N GLU B 91 7.76 -10.50 -15.31
CA GLU B 91 8.03 -11.43 -16.40
C GLU B 91 6.77 -11.73 -17.21
N ALA B 92 5.64 -11.87 -16.53
CA ALA B 92 4.35 -12.02 -17.19
C ALA B 92 4.15 -10.86 -18.16
N THR B 93 4.49 -9.67 -17.69
CA THR B 93 4.30 -8.45 -18.46
C THR B 93 5.20 -8.41 -19.68
N ALA B 94 6.49 -8.70 -19.47
CA ALA B 94 7.45 -8.70 -20.57
C ALA B 94 7.04 -9.71 -21.64
N LYS B 95 6.60 -10.87 -21.20
CA LYS B 95 6.16 -11.91 -22.12
C LYS B 95 4.98 -11.43 -22.96
N MET B 96 3.93 -10.93 -22.31
CA MET B 96 2.75 -10.46 -23.03
C MET B 96 3.12 -9.34 -23.99
N ARG B 97 3.98 -8.44 -23.54
CA ARG B 97 4.41 -7.33 -24.39
C ARG B 97 5.07 -7.78 -25.68
N GLU B 98 5.53 -9.03 -25.73
CA GLU B 98 6.14 -9.58 -26.95
C GLU B 98 5.10 -9.91 -28.02
N TYR B 99 3.86 -10.14 -27.60
CA TYR B 99 2.79 -10.43 -28.57
C TYR B 99 2.29 -9.14 -29.21
N PHE B 100 2.74 -8.00 -28.69
CA PHE B 100 2.35 -6.69 -29.23
C PHE B 100 3.45 -6.16 -30.13
N THR B 101 3.71 -6.88 -31.22
CA THR B 101 4.84 -6.59 -32.10
C THR B 101 4.93 -5.13 -32.52
N GLY B 102 3.78 -4.48 -32.70
CA GLY B 102 3.77 -3.10 -33.16
C GLY B 102 3.79 -2.03 -32.08
N ALA B 103 3.35 -2.40 -30.87
CA ALA B 103 3.16 -1.42 -29.81
C ALA B 103 4.40 -1.16 -28.95
N ALA B 104 4.61 0.11 -28.58
CA ALA B 104 5.62 0.47 -27.60
C ALA B 104 5.07 0.15 -26.22
N PRO B 105 5.97 -0.09 -25.25
CA PRO B 105 5.56 -0.43 -23.88
C PRO B 105 5.09 0.80 -23.13
N SER B 106 3.98 0.67 -22.42
CA SER B 106 3.53 1.70 -21.50
C SER B 106 2.58 1.06 -20.52
N SER B 107 2.42 1.68 -19.35
CA SER B 107 1.40 1.25 -18.43
C SER B 107 0.81 2.44 -17.72
N PRO B 108 -0.51 2.41 -17.49
CA PRO B 108 -1.33 1.31 -17.98
C PRO B 108 -1.48 1.44 -19.50
N SER B 109 -1.80 0.31 -20.15
CA SER B 109 -2.08 0.28 -21.57
C SER B 109 -3.06 -0.87 -21.78
N MET B 110 -3.65 -0.95 -22.97
CA MET B 110 -4.68 -1.95 -23.26
C MET B 110 -4.57 -2.43 -24.70
N ALA B 111 -4.83 -3.72 -24.91
CA ALA B 111 -4.78 -4.28 -26.26
C ALA B 111 -5.97 -5.18 -26.53
N LEU B 112 -6.53 -5.04 -27.72
CA LEU B 112 -7.62 -5.90 -28.16
C LEU B 112 -6.99 -6.85 -29.17
N LEU B 113 -7.17 -8.15 -28.94
CA LEU B 113 -6.60 -9.19 -29.78
C LEU B 113 -7.67 -9.96 -30.55
N LYS B 114 -7.28 -10.46 -31.73
CA LYS B 114 -8.03 -11.51 -32.39
C LYS B 114 -7.01 -12.63 -32.55
N GLY B 115 -7.25 -13.75 -31.86
CA GLY B 115 -6.21 -14.75 -31.70
C GLY B 115 -5.13 -14.17 -30.80
N LYS B 116 -3.88 -14.21 -31.24
CA LYS B 116 -2.80 -13.56 -30.50
C LYS B 116 -2.23 -12.34 -31.25
N GLU B 117 -3.01 -11.85 -32.22
CA GLU B 117 -2.65 -10.69 -33.01
C GLU B 117 -3.35 -9.44 -32.50
N VAL B 118 -2.58 -8.39 -32.22
CA VAL B 118 -3.14 -7.13 -31.75
C VAL B 118 -3.95 -6.49 -32.86
N VAL B 119 -5.18 -6.12 -32.52
CA VAL B 119 -6.10 -5.54 -33.50
C VAL B 119 -6.44 -4.07 -33.17
N HIS B 120 -6.15 -3.67 -31.94
CA HIS B 120 -6.34 -2.29 -31.51
C HIS B 120 -5.51 -2.10 -30.26
N PHE B 121 -4.93 -0.92 -30.12
CA PHE B 121 -4.04 -0.64 -28.98
C PHE B 121 -4.32 0.71 -28.34
N ILE B 122 -4.36 0.73 -27.01
CA ILE B 122 -4.51 1.97 -26.28
C ILE B 122 -3.30 2.19 -25.38
N PRO B 123 -2.38 3.05 -25.84
CA PRO B 123 -1.16 3.35 -25.08
C PRO B 123 -1.51 4.23 -23.89
N ARG B 124 -0.61 4.33 -22.91
CA ARG B 124 -0.83 5.21 -21.78
C ARG B 124 -1.30 6.60 -22.20
N HIS B 125 -0.68 7.15 -23.24
CA HIS B 125 -1.01 8.51 -23.66
C HIS B 125 -2.44 8.72 -24.19
N GLU B 126 -3.16 7.62 -24.45
CA GLU B 126 -4.57 7.71 -24.83
C GLU B 126 -5.44 7.52 -23.60
N ILE B 127 -4.80 7.36 -22.45
CA ILE B 127 -5.52 7.18 -21.20
C ILE B 127 -5.21 8.37 -20.30
N GLU B 128 -3.93 8.57 -20.04
CA GLU B 128 -3.43 9.76 -19.37
C GLU B 128 -3.92 11.01 -20.12
N GLY B 129 -4.50 11.95 -19.39
CA GLY B 129 -4.96 13.19 -20.00
C GLY B 129 -6.29 13.08 -20.73
N HIS B 130 -6.97 11.97 -20.55
CA HIS B 130 -8.32 11.81 -21.11
C HIS B 130 -9.28 11.57 -19.96
N ASP B 131 -10.58 11.55 -20.24
CA ASP B 131 -11.54 11.26 -19.19
C ASP B 131 -12.28 9.95 -19.42
N MET B 132 -12.98 9.50 -18.40
CA MET B 132 -13.69 8.22 -18.44
C MET B 132 -14.38 7.94 -19.77
N GLU B 133 -15.48 8.62 -20.03
CA GLU B 133 -16.27 8.41 -21.24
C GLU B 133 -15.41 8.33 -22.50
N GLU B 134 -14.48 9.26 -22.63
CA GLU B 134 -13.59 9.34 -23.79
C GLU B 134 -12.88 8.02 -24.04
N ILE B 135 -12.31 7.46 -22.98
CA ILE B 135 -11.59 6.19 -23.06
C ILE B 135 -12.54 5.03 -23.32
N MET B 136 -13.71 5.09 -22.69
CA MET B 136 -14.77 4.12 -22.91
C MET B 136 -15.10 3.98 -24.39
N LYS B 137 -15.45 5.10 -25.01
CA LYS B 137 -15.82 5.12 -26.42
C LYS B 137 -14.70 4.56 -27.30
N ASN B 138 -13.46 4.82 -26.92
CA ASN B 138 -12.31 4.26 -27.62
C ASN B 138 -12.41 2.73 -27.58
N LEU B 139 -12.66 2.18 -26.40
CA LEU B 139 -12.83 0.74 -26.23
C LEU B 139 -14.05 0.20 -26.96
N THR B 140 -15.19 0.81 -26.68
CA THR B 140 -16.46 0.32 -27.22
C THR B 140 -16.45 0.32 -28.75
N ALA B 141 -15.86 1.35 -29.36
CA ALA B 141 -15.77 1.40 -30.82
C ALA B 141 -14.92 0.24 -31.31
N ALA B 142 -13.88 -0.07 -30.56
CA ALA B 142 -13.04 -1.21 -30.89
C ALA B 142 -13.85 -2.49 -30.83
N PHE B 143 -14.56 -2.70 -29.73
CA PHE B 143 -15.40 -3.90 -29.58
C PHE B 143 -16.38 -4.02 -30.74
N ASP B 144 -17.00 -2.91 -31.11
CA ASP B 144 -18.01 -2.92 -32.16
C ASP B 144 -17.41 -3.28 -33.50
N ALA B 145 -16.13 -2.98 -33.67
CA ALA B 145 -15.49 -3.20 -34.96
C ALA B 145 -14.89 -4.61 -35.13
N HIS B 146 -14.62 -5.28 -34.02
CA HIS B 146 -13.90 -6.56 -34.11
C HIS B 146 -14.59 -7.76 -33.45
N SER C 1 -12.78 14.63 -9.97
CA SER C 1 -12.66 13.90 -8.72
C SER C 1 -13.98 13.23 -8.41
N ASN C 2 -13.94 11.93 -8.15
CA ASN C 2 -15.08 11.23 -7.57
C ASN C 2 -14.60 10.41 -6.36
N ALA C 3 -15.50 9.64 -5.78
CA ALA C 3 -15.17 8.85 -4.59
C ALA C 3 -13.99 7.92 -4.84
N MET C 4 -14.00 7.22 -5.97
N MET C 4 -13.99 7.23 -5.98
CA MET C 4 -12.91 6.30 -6.30
CA MET C 4 -12.92 6.27 -6.30
C MET C 4 -11.57 7.00 -6.38
C MET C 4 -11.55 6.95 -6.45
N SER C 5 -11.51 8.07 -7.18
CA SER C 5 -10.25 8.79 -7.36
C SER C 5 -9.76 9.34 -6.04
N MET C 6 -10.68 9.88 -5.25
CA MET C 6 -10.32 10.43 -3.96
CA MET C 6 -10.37 10.44 -3.94
C MET C 6 -9.84 9.34 -3.01
N ALA C 7 -10.55 8.22 -2.95
CA ALA C 7 -10.18 7.14 -2.06
C ALA C 7 -8.84 6.55 -2.49
N TYR C 8 -8.65 6.45 -3.79
CA TYR C 8 -7.43 5.83 -4.28
C TYR C 8 -6.19 6.66 -3.95
N GLU C 9 -6.26 7.95 -4.24
CA GLU C 9 -5.15 8.83 -3.96
C GLU C 9 -4.77 8.77 -2.48
N GLU C 10 -5.77 8.87 -1.61
CA GLU C 10 -5.53 8.79 -0.17
C GLU C 10 -4.93 7.42 0.21
N TYR C 11 -5.40 6.35 -0.44
CA TYR C 11 -4.86 5.01 -0.21
C TYR C 11 -3.37 4.90 -0.58
N MET C 12 -3.01 5.37 -1.78
CA MET C 12 -1.62 5.35 -2.21
C MET C 12 -0.79 6.24 -1.29
N ARG C 13 -1.39 7.36 -0.90
CA ARG C 13 -0.71 8.30 -0.05
C ARG C 13 -0.26 7.60 1.25
N GLN C 14 -1.18 6.91 1.91
CA GLN C 14 -0.87 6.21 3.15
C GLN C 14 0.10 5.04 2.94
N LEU C 15 0.03 4.40 1.79
CA LEU C 15 0.87 3.22 1.61
C LEU C 15 2.34 3.54 1.36
N VAL C 16 2.65 4.74 0.87
CA VAL C 16 4.05 5.07 0.61
C VAL C 16 4.71 5.68 1.84
N VAL C 17 3.90 5.88 2.89
CA VAL C 17 4.39 6.50 4.12
C VAL C 17 5.65 5.81 4.69
N PRO C 18 5.64 4.48 4.78
CA PRO C 18 6.83 3.77 5.23
C PRO C 18 8.05 4.07 4.37
N MET C 19 7.84 4.18 3.07
CA MET C 19 8.94 4.41 2.13
C MET C 19 9.42 5.86 2.22
N ARG C 20 8.61 6.72 2.84
CA ARG C 20 9.04 8.05 3.20
C ARG C 20 9.82 7.98 4.52
N ARG C 21 9.23 7.25 5.49
CA ARG C 21 9.78 7.17 6.84
C ARG C 21 11.16 6.53 6.87
N GLU C 22 11.45 5.67 5.90
CA GLU C 22 12.75 5.02 5.87
C GLU C 22 13.85 6.06 5.70
N LEU C 23 13.55 7.14 4.99
CA LEU C 23 14.52 8.20 4.75
C LEU C 23 14.42 9.29 5.82
N THR C 24 13.20 9.72 6.15
CA THR C 24 13.03 10.76 7.15
C THR C 24 13.49 10.31 8.54
N GLY C 25 13.32 9.02 8.83
CA GLY C 25 13.84 8.44 10.05
C GLY C 25 15.34 8.17 9.94
N ALA C 26 15.96 8.71 8.91
CA ALA C 26 17.41 8.66 8.77
C ALA C 26 17.97 10.08 8.67
N GLY C 27 17.10 11.07 8.79
CA GLY C 27 17.53 12.46 8.80
C GLY C 27 17.24 13.22 7.51
N PHE C 28 16.85 12.51 6.47
CA PHE C 28 16.53 13.16 5.20
C PHE C 28 15.32 14.10 5.32
N GLU C 29 15.48 15.31 4.80
CA GLU C 29 14.38 16.25 4.65
C GLU C 29 13.60 15.94 3.37
N GLU C 30 12.28 16.02 3.43
CA GLU C 30 11.44 15.77 2.26
C GLU C 30 11.13 17.06 1.54
N LEU C 31 11.22 17.04 0.22
CA LEU C 31 10.76 18.15 -0.59
C LEU C 31 9.59 17.66 -1.41
N THR C 32 8.38 18.01 -0.97
CA THR C 32 7.17 17.40 -1.49
C THR C 32 6.50 18.26 -2.57
N THR C 33 7.09 19.41 -2.86
CA THR C 33 6.48 20.39 -3.73
C THR C 33 7.50 21.08 -4.61
N ALA C 34 7.06 21.54 -5.77
CA ALA C 34 7.90 22.34 -6.65
C ALA C 34 8.46 23.55 -5.89
N GLU C 35 7.59 24.28 -5.21
CA GLU C 35 8.00 25.45 -4.45
C GLU C 35 9.02 25.10 -3.35
N GLU C 36 8.84 23.94 -2.72
CA GLU C 36 9.75 23.51 -1.67
C GLU C 36 11.12 23.16 -2.23
N VAL C 37 11.14 22.67 -3.47
CA VAL C 37 12.40 22.37 -4.14
C VAL C 37 13.16 23.66 -4.48
N GLU C 38 12.52 24.56 -5.21
CA GLU C 38 13.12 25.85 -5.54
C GLU C 38 13.60 26.54 -4.27
N ASN C 39 12.72 26.67 -3.29
CA ASN C 39 13.09 27.30 -2.04
C ASN C 39 14.39 26.72 -1.49
N PHE C 40 14.48 25.39 -1.48
CA PHE C 40 15.71 24.71 -1.02
C PHE C 40 16.91 24.94 -1.93
N MET C 41 16.82 24.49 -3.18
CA MET C 41 17.97 24.53 -4.09
C MET C 41 18.48 25.96 -4.29
N GLU C 42 17.57 26.92 -4.18
CA GLU C 42 17.90 28.32 -4.40
C GLU C 42 18.72 28.91 -3.26
N LYS C 43 18.54 28.37 -2.06
CA LYS C 43 19.24 28.89 -0.89
C LYS C 43 20.26 27.88 -0.37
N ALA C 44 20.40 26.76 -1.08
CA ALA C 44 21.24 25.66 -0.61
C ALA C 44 22.72 26.03 -0.50
N GLU C 45 23.34 25.62 0.59
CA GLU C 45 24.76 25.83 0.75
C GLU C 45 25.46 24.56 1.25
N GLY C 46 26.77 24.52 1.05
CA GLY C 46 27.54 23.34 1.37
C GLY C 46 27.25 22.23 0.38
N THR C 47 27.23 20.99 0.88
CA THR C 47 26.95 19.83 0.03
C THR C 47 25.61 19.20 0.37
N THR C 48 24.99 18.58 -0.62
CA THR C 48 23.68 17.98 -0.47
C THR C 48 23.61 16.62 -1.15
N LEU C 49 23.11 15.63 -0.43
CA LEU C 49 22.70 14.40 -1.10
C LEU C 49 21.21 14.50 -1.38
N VAL C 50 20.86 14.33 -2.64
CA VAL C 50 19.45 14.25 -3.05
C VAL C 50 19.14 12.81 -3.39
N VAL C 51 18.09 12.28 -2.80
CA VAL C 51 17.62 10.95 -3.17
C VAL C 51 16.30 11.04 -3.92
N VAL C 52 16.34 10.69 -5.19
CA VAL C 52 15.13 10.51 -5.96
C VAL C 52 14.56 9.16 -5.55
N ASN C 53 13.58 9.19 -4.65
CA ASN C 53 12.95 7.98 -4.17
C ASN C 53 11.88 7.54 -5.16
N SER C 54 11.46 6.28 -5.06
CA SER C 54 10.36 5.78 -5.86
C SER C 54 9.77 4.53 -5.22
N VAL C 55 8.62 4.11 -5.72
CA VAL C 55 7.96 2.91 -5.24
C VAL C 55 8.42 1.73 -6.08
N CYS C 56 9.47 1.05 -5.65
CA CYS C 56 9.95 -0.12 -6.38
C CYS C 56 11.00 -0.90 -5.63
N GLY C 57 11.13 -2.19 -5.96
CA GLY C 57 12.05 -3.09 -5.29
C GLY C 57 13.49 -2.64 -5.29
N CYS C 58 13.87 -1.90 -6.32
CA CYS C 58 15.23 -1.36 -6.43
C CYS C 58 15.44 -0.28 -5.37
N ALA C 59 14.46 0.59 -5.22
CA ALA C 59 14.54 1.63 -4.21
C ALA C 59 14.58 0.98 -2.81
N ALA C 60 13.71 0.00 -2.60
CA ALA C 60 13.58 -0.66 -1.31
C ALA C 60 14.82 -1.42 -0.88
N GLY C 61 15.48 -2.07 -1.83
CA GLY C 61 16.54 -3.00 -1.50
C GLY C 61 17.94 -2.45 -1.60
N LEU C 62 18.09 -1.36 -2.35
CA LEU C 62 19.42 -0.82 -2.60
C LEU C 62 19.47 0.66 -2.27
N ALA C 63 18.70 1.44 -3.01
CA ALA C 63 18.84 2.89 -2.98
C ALA C 63 18.69 3.49 -1.58
N ARG C 64 17.57 3.17 -0.93
CA ARG C 64 17.25 3.77 0.36
C ARG C 64 18.23 3.34 1.45
N PRO C 65 18.49 2.02 1.54
CA PRO C 65 19.44 1.54 2.57
C PRO C 65 20.84 2.10 2.33
N ALA C 66 21.29 2.04 1.10
CA ALA C 66 22.62 2.53 0.73
C ALA C 66 22.78 3.99 1.12
N ALA C 67 21.81 4.80 0.73
CA ALA C 67 21.84 6.22 1.03
C ALA C 67 21.91 6.48 2.54
N THR C 68 21.12 5.75 3.31
CA THR C 68 21.05 6.00 4.75
C THR C 68 22.29 5.46 5.48
N GLN C 69 22.80 4.32 5.03
CA GLN C 69 24.00 3.77 5.64
C GLN C 69 25.20 4.66 5.36
N ALA C 70 25.38 5.01 4.09
CA ALA C 70 26.51 5.85 3.70
C ALA C 70 26.52 7.15 4.51
N VAL C 71 25.35 7.78 4.59
CA VAL C 71 25.25 9.07 5.28
C VAL C 71 25.59 8.99 6.77
N LEU C 72 25.41 7.84 7.40
CA LEU C 72 25.65 7.76 8.84
C LEU C 72 26.92 6.99 9.26
N GLN C 73 27.49 6.21 8.34
CA GLN C 73 28.71 5.46 8.64
CA GLN C 73 28.72 5.46 8.62
C GLN C 73 29.97 6.23 8.21
N ASN C 74 29.82 7.14 7.26
CA ASN C 74 30.94 7.86 6.67
C ASN C 74 31.32 9.14 7.41
N ASP C 75 32.62 9.36 7.58
CA ASP C 75 33.14 10.55 8.24
C ASP C 75 32.70 11.83 7.52
N LYS C 76 33.02 11.94 6.23
CA LYS C 76 32.54 13.04 5.41
C LYS C 76 31.14 12.70 4.93
N THR C 77 30.21 13.64 5.13
CA THR C 77 28.86 13.48 4.60
C THR C 77 28.36 14.82 4.12
N PRO C 78 27.31 14.81 3.29
CA PRO C 78 26.77 16.09 2.83
C PRO C 78 26.31 16.94 4.02
N ASP C 79 26.36 18.25 3.85
CA ASP C 79 25.74 19.15 4.82
C ASP C 79 24.23 18.94 4.87
N ASN C 80 23.63 18.60 3.74
CA ASN C 80 22.18 18.41 3.68
C ASN C 80 21.80 17.09 3.05
N THR C 81 20.71 16.52 3.56
CA THR C 81 20.13 15.32 2.97
C THR C 81 18.67 15.59 2.67
N VAL C 82 18.31 15.38 1.41
CA VAL C 82 17.00 15.76 0.94
C VAL C 82 16.47 14.66 0.02
N THR C 83 15.15 14.63 -0.18
CA THR C 83 14.55 13.64 -1.05
C THR C 83 13.31 14.13 -1.76
N VAL C 84 13.15 13.71 -2.99
CA VAL C 84 11.91 13.89 -3.74
C VAL C 84 11.43 12.50 -4.13
N PHE C 85 10.13 12.27 -4.00
CA PHE C 85 9.56 10.96 -4.25
C PHE C 85 8.99 10.87 -5.66
N ALA C 86 9.78 10.32 -6.58
CA ALA C 86 9.33 10.17 -7.97
C ALA C 86 8.04 9.35 -8.07
N GLY C 87 7.13 9.79 -8.94
CA GLY C 87 5.86 9.10 -9.14
C GLY C 87 4.79 9.53 -8.15
N GLN C 88 5.19 9.95 -6.96
CA GLN C 88 4.25 10.35 -5.91
C GLN C 88 4.18 11.86 -5.76
N ASP C 89 5.35 12.48 -5.68
CA ASP C 89 5.42 13.93 -5.62
C ASP C 89 6.00 14.38 -6.95
N LYS C 90 5.14 14.44 -7.97
CA LYS C 90 5.58 14.59 -9.35
C LYS C 90 6.10 15.99 -9.71
N GLU C 91 5.43 17.02 -9.20
CA GLU C 91 5.89 18.37 -9.48
C GLU C 91 7.24 18.58 -8.77
N ALA C 92 7.35 18.06 -7.55
CA ALA C 92 8.59 18.16 -6.80
C ALA C 92 9.78 17.51 -7.50
N THR C 93 9.61 16.31 -8.04
CA THR C 93 10.74 15.65 -8.69
C THR C 93 11.04 16.23 -10.07
N ALA C 94 10.01 16.65 -10.80
CA ALA C 94 10.23 17.32 -12.07
C ALA C 94 11.04 18.59 -11.84
N LYS C 95 10.66 19.34 -10.81
CA LYS C 95 11.40 20.54 -10.45
C LYS C 95 12.86 20.21 -10.08
N MET C 96 13.05 19.24 -9.21
CA MET C 96 14.41 18.87 -8.85
C MET C 96 15.22 18.45 -10.10
N ARG C 97 14.60 17.66 -10.97
CA ARG C 97 15.29 17.16 -12.15
C ARG C 97 15.69 18.26 -13.13
N GLU C 98 15.04 19.41 -13.03
CA GLU C 98 15.43 20.57 -13.84
C GLU C 98 16.80 21.07 -13.41
N TYR C 99 17.13 20.86 -12.14
CA TYR C 99 18.45 21.22 -11.64
C TYR C 99 19.56 20.29 -12.12
N PHE C 100 19.20 19.09 -12.58
CA PHE C 100 20.20 18.12 -13.04
C PHE C 100 20.52 18.32 -14.51
N THR C 101 21.23 19.39 -14.83
CA THR C 101 21.60 19.68 -16.21
C THR C 101 22.19 18.44 -16.89
N GLY C 102 21.63 18.11 -18.05
CA GLY C 102 22.20 17.07 -18.90
C GLY C 102 22.29 15.69 -18.28
N ALA C 103 21.53 15.45 -17.23
CA ALA C 103 21.38 14.09 -16.70
C ALA C 103 20.04 13.54 -17.18
N ALA C 104 19.98 12.23 -17.37
CA ALA C 104 18.75 11.57 -17.77
C ALA C 104 17.90 11.23 -16.53
N PRO C 105 16.57 11.35 -16.67
CA PRO C 105 15.62 10.96 -15.62
C PRO C 105 15.62 9.46 -15.37
N SER C 106 15.64 9.06 -14.10
CA SER C 106 15.53 7.67 -13.70
C SER C 106 15.21 7.60 -12.22
N SER C 107 14.68 6.47 -11.78
CA SER C 107 14.29 6.30 -10.39
C SER C 107 14.39 4.83 -9.99
N PRO C 108 15.00 4.57 -8.84
CA PRO C 108 15.59 5.61 -7.98
C PRO C 108 16.92 6.11 -8.54
N SER C 109 17.32 7.31 -8.15
CA SER C 109 18.61 7.86 -8.51
C SER C 109 19.05 8.85 -7.44
N MET C 110 20.33 9.18 -7.39
CA MET C 110 20.83 10.11 -6.39
C MET C 110 21.77 11.14 -6.99
N ALA C 111 21.77 12.35 -6.43
CA ALA C 111 22.68 13.40 -6.87
C ALA C 111 23.43 13.99 -5.68
N LEU C 112 24.74 14.11 -5.81
CA LEU C 112 25.52 14.86 -4.83
C LEU C 112 25.66 16.29 -5.32
N LEU C 113 25.31 17.25 -4.46
CA LEU C 113 25.35 18.64 -4.84
C LEU C 113 26.39 19.43 -4.05
N LYS C 114 27.04 20.34 -4.75
CA LYS C 114 27.77 21.43 -4.13
C LYS C 114 26.98 22.67 -4.51
N GLY C 115 26.41 23.36 -3.54
CA GLY C 115 25.44 24.40 -3.83
C GLY C 115 24.30 23.78 -4.63
N LYS C 116 23.95 24.40 -5.75
CA LYS C 116 22.93 23.82 -6.63
C LYS C 116 23.53 23.16 -7.86
N GLU C 117 24.83 22.92 -7.85
CA GLU C 117 25.50 22.26 -8.97
C GLU C 117 25.62 20.76 -8.69
N VAL C 118 25.29 19.96 -9.69
CA VAL C 118 25.41 18.51 -9.58
C VAL C 118 26.88 18.11 -9.71
N VAL C 119 27.43 17.65 -8.61
CA VAL C 119 28.86 17.38 -8.52
C VAL C 119 29.19 15.91 -8.76
N HIS C 120 28.16 15.07 -8.64
CA HIS C 120 28.26 13.65 -8.94
C HIS C 120 26.82 13.14 -9.03
N PHE C 121 26.58 12.16 -9.89
CA PHE C 121 25.24 11.67 -10.10
C PHE C 121 25.23 10.15 -10.25
N ILE C 122 24.30 9.50 -9.56
CA ILE C 122 24.14 8.07 -9.67
C ILE C 122 22.77 7.77 -10.26
N PRO C 123 22.76 7.25 -11.51
CA PRO C 123 21.50 6.85 -12.15
C PRO C 123 21.07 5.45 -11.72
N ARG C 124 19.87 5.05 -12.14
CA ARG C 124 19.32 3.75 -11.79
C ARG C 124 20.23 2.58 -12.27
N HIS C 125 20.90 2.76 -13.40
CA HIS C 125 21.74 1.67 -13.90
C HIS C 125 23.02 1.47 -13.09
N GLU C 126 23.31 2.42 -12.20
CA GLU C 126 24.39 2.24 -11.24
C GLU C 126 23.88 1.56 -9.97
N ILE C 127 22.58 1.65 -9.76
CA ILE C 127 21.95 1.09 -8.57
C ILE C 127 21.43 -0.30 -8.86
N GLU C 128 20.55 -0.40 -9.85
CA GLU C 128 20.06 -1.69 -10.29
C GLU C 128 21.22 -2.48 -10.88
N GLY C 129 21.29 -3.76 -10.55
CA GLY C 129 22.34 -4.62 -11.06
C GLY C 129 23.59 -4.62 -10.20
N HIS C 130 23.52 -3.98 -9.04
CA HIS C 130 24.65 -3.94 -8.13
C HIS C 130 24.21 -4.32 -6.73
N ASP C 131 25.17 -4.51 -5.82
CA ASP C 131 24.84 -4.75 -4.43
C ASP C 131 25.19 -3.55 -3.56
N MET C 132 24.90 -3.65 -2.27
CA MET C 132 25.12 -2.56 -1.34
C MET C 132 26.57 -2.13 -1.38
N GLU C 133 27.45 -3.12 -1.25
CA GLU C 133 28.89 -2.88 -1.21
C GLU C 133 29.35 -1.96 -2.33
N GLU C 134 28.84 -2.20 -3.54
CA GLU C 134 29.20 -1.38 -4.69
C GLU C 134 28.61 0.03 -4.62
N ILE C 135 27.31 0.11 -4.37
CA ILE C 135 26.67 1.42 -4.27
C ILE C 135 27.28 2.26 -3.15
N MET C 136 27.54 1.64 -2.00
CA MET C 136 28.14 2.31 -0.86
CA MET C 136 28.11 2.36 -0.88
C MET C 136 29.51 2.89 -1.20
N LYS C 137 30.33 2.09 -1.87
CA LYS C 137 31.64 2.56 -2.30
C LYS C 137 31.47 3.79 -3.20
N ASN C 138 30.53 3.68 -4.13
CA ASN C 138 30.22 4.76 -5.06
C ASN C 138 29.85 6.02 -4.27
N LEU C 139 28.90 5.86 -3.35
CA LEU C 139 28.45 6.98 -2.52
C LEU C 139 29.58 7.60 -1.71
N THR C 140 30.21 6.79 -0.87
CA THR C 140 31.17 7.31 0.09
C THR C 140 32.44 7.85 -0.57
N ALA C 141 32.77 7.31 -1.74
CA ALA C 141 33.88 7.83 -2.53
C ALA C 141 33.54 9.24 -2.99
N ALA C 142 32.29 9.43 -3.38
CA ALA C 142 31.81 10.74 -3.79
C ALA C 142 31.90 11.71 -2.61
N PHE C 143 31.51 11.23 -1.43
CA PHE C 143 31.60 12.05 -0.22
C PHE C 143 33.05 12.38 0.08
N ASP C 144 33.88 11.36 0.13
CA ASP C 144 35.30 11.56 0.41
C ASP C 144 35.85 12.67 -0.48
N ALA C 145 35.43 12.67 -1.75
CA ALA C 145 35.96 13.59 -2.74
C ALA C 145 35.45 15.04 -2.61
N HIS C 146 34.16 15.20 -2.32
CA HIS C 146 33.57 16.53 -2.22
C HIS C 146 33.07 16.85 -0.82
N CYS C 147 32.48 15.83 -0.19
CA CYS C 147 31.86 15.87 1.16
C CYS C 147 30.44 15.27 1.19
N SER D 1 -8.39 1.96 13.27
CA SER D 1 -8.97 3.29 13.25
C SER D 1 -7.97 4.33 12.73
N ASN D 2 -6.74 3.90 12.50
CA ASN D 2 -5.71 4.80 12.00
C ASN D 2 -5.89 5.11 10.52
N ALA D 3 -5.05 6.01 10.02
CA ALA D 3 -5.16 6.53 8.66
C ALA D 3 -5.02 5.47 7.56
N MET D 4 -4.10 4.52 7.74
CA MET D 4 -3.95 3.46 6.73
C MET D 4 -5.25 2.66 6.65
N SER D 5 -5.74 2.18 7.79
CA SER D 5 -6.93 1.34 7.77
C SER D 5 -8.18 2.11 7.31
N MET D 6 -8.30 3.39 7.70
CA MET D 6 -9.39 4.21 7.19
C MET D 6 -9.32 4.28 5.67
N ALA D 7 -8.12 4.48 5.15
CA ALA D 7 -7.92 4.64 3.71
C ALA D 7 -8.20 3.32 2.99
N TYR D 8 -7.72 2.21 3.54
CA TYR D 8 -8.04 0.91 2.97
C TYR D 8 -9.56 0.71 2.88
N GLU D 9 -10.27 0.95 3.99
CA GLU D 9 -11.73 0.81 4.00
C GLU D 9 -12.43 1.67 2.95
N GLU D 10 -12.05 2.94 2.85
CA GLU D 10 -12.62 3.84 1.86
C GLU D 10 -12.40 3.32 0.44
N TYR D 11 -11.19 2.84 0.17
CA TYR D 11 -10.83 2.34 -1.14
C TYR D 11 -11.65 1.08 -1.50
N MET D 12 -11.65 0.10 -0.60
CA MET D 12 -12.42 -1.12 -0.83
C MET D 12 -13.92 -0.83 -0.99
N ARG D 13 -14.41 0.16 -0.27
CA ARG D 13 -15.81 0.54 -0.36
C ARG D 13 -16.16 0.95 -1.78
N GLN D 14 -15.28 1.73 -2.40
CA GLN D 14 -15.49 2.19 -3.76
C GLN D 14 -15.19 1.10 -4.78
N LEU D 15 -14.14 0.32 -4.54
CA LEU D 15 -13.80 -0.82 -5.37
C LEU D 15 -15.06 -1.65 -5.67
N VAL D 16 -15.81 -1.88 -4.62
CA VAL D 16 -16.89 -2.84 -4.60
C VAL D 16 -18.20 -2.31 -5.22
N VAL D 17 -18.32 -0.99 -5.33
CA VAL D 17 -19.55 -0.39 -5.85
C VAL D 17 -20.02 -1.03 -7.18
N PRO D 18 -19.15 -1.08 -8.20
CA PRO D 18 -19.53 -1.68 -9.49
C PRO D 18 -20.01 -3.13 -9.38
N MET D 19 -19.39 -3.91 -8.50
CA MET D 19 -19.78 -5.31 -8.31
C MET D 19 -21.16 -5.40 -7.63
N ARG D 20 -21.55 -4.34 -6.92
CA ARG D 20 -22.88 -4.31 -6.31
C ARG D 20 -23.93 -4.01 -7.36
N ARG D 21 -23.62 -3.07 -8.25
CA ARG D 21 -24.60 -2.53 -9.18
C ARG D 21 -25.00 -3.51 -10.30
N GLU D 22 -24.13 -4.47 -10.60
CA GLU D 22 -24.49 -5.51 -11.56
C GLU D 22 -25.72 -6.29 -11.11
N LEU D 23 -25.82 -6.52 -9.80
CA LEU D 23 -26.97 -7.23 -9.25
C LEU D 23 -28.17 -6.30 -9.01
N THR D 24 -27.92 -5.16 -8.37
CA THR D 24 -29.02 -4.23 -8.10
C THR D 24 -29.63 -3.72 -9.39
N GLY D 25 -28.84 -3.72 -10.46
CA GLY D 25 -29.33 -3.28 -11.75
C GLY D 25 -30.35 -4.27 -12.28
N ALA D 26 -30.31 -5.48 -11.73
CA ALA D 26 -31.17 -6.56 -12.20
C ALA D 26 -32.28 -6.90 -11.22
N GLY D 27 -32.48 -6.03 -10.23
CA GLY D 27 -33.60 -6.17 -9.30
C GLY D 27 -33.29 -6.83 -7.97
N PHE D 28 -32.06 -7.27 -7.77
CA PHE D 28 -31.65 -7.85 -6.49
C PHE D 28 -31.53 -6.81 -5.38
N GLU D 29 -32.40 -6.88 -4.38
CA GLU D 29 -32.29 -6.00 -3.22
C GLU D 29 -31.06 -6.34 -2.40
N GLU D 30 -30.27 -5.32 -2.09
CA GLU D 30 -29.12 -5.50 -1.22
C GLU D 30 -29.54 -5.57 0.24
N LEU D 31 -29.02 -6.56 0.95
CA LEU D 31 -29.21 -6.62 2.39
C LEU D 31 -27.87 -6.42 3.04
N THR D 32 -27.68 -5.25 3.68
CA THR D 32 -26.34 -4.82 4.09
C THR D 32 -26.09 -4.90 5.60
N THR D 33 -27.16 -4.98 6.39
CA THR D 33 -27.02 -5.20 7.82
C THR D 33 -27.70 -6.49 8.24
N ALA D 34 -27.29 -7.02 9.38
CA ALA D 34 -27.95 -8.16 10.00
C ALA D 34 -29.45 -7.90 10.14
N GLU D 35 -29.80 -6.67 10.45
CA GLU D 35 -31.20 -6.32 10.71
C GLU D 35 -32.04 -6.28 9.44
N GLU D 36 -31.46 -5.73 8.37
CA GLU D 36 -32.14 -5.75 7.08
C GLU D 36 -32.42 -7.19 6.67
N VAL D 37 -31.41 -8.02 6.87
CA VAL D 37 -31.49 -9.43 6.53
C VAL D 37 -32.56 -10.11 7.38
N GLU D 38 -32.41 -9.98 8.70
CA GLU D 38 -33.37 -10.49 9.67
C GLU D 38 -34.77 -10.05 9.27
N ASN D 39 -34.90 -8.74 9.05
CA ASN D 39 -36.15 -8.12 8.64
C ASN D 39 -36.76 -8.77 7.40
N PHE D 40 -35.94 -8.96 6.37
CA PHE D 40 -36.43 -9.51 5.11
C PHE D 40 -36.90 -10.95 5.22
N MET D 41 -36.10 -11.78 5.90
CA MET D 41 -36.37 -13.21 5.94
C MET D 41 -37.69 -13.57 6.64
N GLU D 42 -38.14 -12.70 7.56
CA GLU D 42 -39.36 -12.98 8.32
C GLU D 42 -40.63 -12.75 7.51
N LYS D 43 -40.76 -11.56 6.92
CA LYS D 43 -41.92 -11.25 6.09
C LYS D 43 -41.78 -11.87 4.70
N ALA D 44 -40.73 -12.66 4.51
CA ALA D 44 -40.47 -13.31 3.23
C ALA D 44 -41.50 -14.40 2.95
N GLU D 45 -42.10 -14.35 1.75
CA GLU D 45 -43.06 -15.35 1.32
C GLU D 45 -42.74 -15.78 -0.10
N GLY D 46 -43.14 -17.00 -0.45
CA GLY D 46 -42.83 -17.52 -1.76
C GLY D 46 -41.37 -17.88 -1.85
N THR D 47 -40.82 -17.84 -3.06
CA THR D 47 -39.46 -18.27 -3.26
C THR D 47 -38.51 -17.09 -3.37
N THR D 48 -37.34 -17.24 -2.77
CA THR D 48 -36.29 -16.23 -2.83
C THR D 48 -34.97 -16.84 -3.31
N LEU D 49 -34.39 -16.24 -4.34
CA LEU D 49 -33.03 -16.54 -4.74
C LEU D 49 -32.10 -15.55 -4.05
N VAL D 50 -31.20 -16.07 -3.22
CA VAL D 50 -30.22 -15.25 -2.55
C VAL D 50 -28.89 -15.46 -3.25
N VAL D 51 -28.28 -14.37 -3.68
CA VAL D 51 -26.95 -14.43 -4.25
C VAL D 51 -25.97 -13.89 -3.22
N VAL D 52 -25.02 -14.72 -2.81
CA VAL D 52 -23.97 -14.28 -1.92
C VAL D 52 -22.85 -13.79 -2.80
N ASN D 53 -22.71 -12.47 -2.88
CA ASN D 53 -21.81 -11.81 -3.82
C ASN D 53 -20.40 -11.84 -3.28
N SER D 54 -19.44 -11.60 -4.16
CA SER D 54 -18.03 -11.77 -3.81
C SER D 54 -17.16 -10.90 -4.72
N VAL D 55 -15.97 -10.57 -4.24
CA VAL D 55 -15.01 -9.77 -4.98
C VAL D 55 -14.27 -10.63 -6.00
N CYS D 56 -14.40 -11.95 -5.84
CA CYS D 56 -13.67 -12.94 -6.63
C CYS D 56 -14.06 -13.01 -8.11
N GLY D 57 -13.16 -13.56 -8.91
CA GLY D 57 -13.33 -13.65 -10.35
C GLY D 57 -14.49 -14.50 -10.84
N CYS D 58 -14.83 -15.54 -10.09
CA CYS D 58 -15.94 -16.40 -10.51
C CYS D 58 -17.30 -15.76 -10.21
N ALA D 59 -17.32 -14.85 -9.24
CA ALA D 59 -18.51 -14.04 -8.98
C ALA D 59 -18.79 -13.17 -10.18
N ALA D 60 -17.74 -12.52 -10.66
CA ALA D 60 -17.86 -11.65 -11.82
C ALA D 60 -18.24 -12.43 -13.07
N GLY D 61 -17.45 -13.45 -13.37
CA GLY D 61 -17.58 -14.15 -14.64
C GLY D 61 -18.75 -15.13 -14.74
N LEU D 62 -19.21 -15.64 -13.60
CA LEU D 62 -20.12 -16.77 -13.61
C LEU D 62 -21.38 -16.56 -12.76
N ALA D 63 -21.18 -16.31 -11.48
CA ALA D 63 -22.30 -16.20 -10.55
C ALA D 63 -23.29 -15.10 -10.95
N ARG D 64 -22.82 -13.87 -10.96
CA ARG D 64 -23.70 -12.73 -11.20
C ARG D 64 -24.42 -12.79 -12.54
N PRO D 65 -23.66 -13.06 -13.62
CA PRO D 65 -24.29 -13.16 -14.93
C PRO D 65 -25.30 -14.31 -14.97
N ALA D 66 -24.88 -15.48 -14.48
CA ALA D 66 -25.77 -16.63 -14.48
C ALA D 66 -27.04 -16.29 -13.70
N ALA D 67 -26.89 -15.67 -12.53
CA ALA D 67 -28.05 -15.34 -11.72
C ALA D 67 -29.01 -14.41 -12.45
N THR D 68 -28.48 -13.36 -13.07
CA THR D 68 -29.32 -12.40 -13.77
C THR D 68 -29.93 -12.99 -15.05
N GLN D 69 -29.14 -13.76 -15.79
CA GLN D 69 -29.66 -14.39 -17.00
C GLN D 69 -30.73 -15.40 -16.64
N ALA D 70 -30.51 -16.12 -15.54
CA ALA D 70 -31.43 -17.16 -15.08
C ALA D 70 -32.81 -16.62 -14.71
N VAL D 71 -32.85 -15.56 -13.91
CA VAL D 71 -34.11 -14.99 -13.44
C VAL D 71 -34.94 -14.43 -14.59
N LEU D 72 -34.29 -14.17 -15.72
CA LEU D 72 -34.96 -13.55 -16.85
C LEU D 72 -35.40 -14.61 -17.85
N GLN D 73 -34.53 -15.57 -18.12
CA GLN D 73 -34.83 -16.64 -19.07
C GLN D 73 -35.42 -17.85 -18.36
N ASN D 74 -36.63 -17.71 -17.84
CA ASN D 74 -37.31 -18.85 -17.25
C ASN D 74 -38.75 -18.51 -16.87
N ASP D 75 -39.66 -19.40 -17.26
CA ASP D 75 -41.07 -19.20 -16.96
C ASP D 75 -41.27 -19.26 -15.45
N LYS D 76 -40.71 -20.29 -14.83
CA LYS D 76 -40.70 -20.41 -13.38
C LYS D 76 -39.54 -19.59 -12.86
N THR D 77 -39.82 -18.66 -11.96
CA THR D 77 -38.77 -17.82 -11.37
C THR D 77 -39.11 -17.50 -9.91
N PRO D 78 -38.10 -17.20 -9.10
CA PRO D 78 -38.37 -16.92 -7.69
C PRO D 78 -39.25 -15.70 -7.54
N ASP D 79 -39.94 -15.57 -6.41
CA ASP D 79 -40.73 -14.38 -6.15
C ASP D 79 -39.83 -13.22 -5.75
N ASN D 80 -38.81 -13.54 -4.95
CA ASN D 80 -37.88 -12.53 -4.46
C ASN D 80 -36.45 -12.81 -4.90
N THR D 81 -35.71 -11.73 -5.10
CA THR D 81 -34.30 -11.80 -5.45
C THR D 81 -33.57 -10.78 -4.59
N VAL D 82 -32.66 -11.26 -3.77
CA VAL D 82 -31.90 -10.41 -2.87
C VAL D 82 -30.44 -10.85 -2.86
N THR D 83 -29.58 -9.99 -2.32
CA THR D 83 -28.16 -10.32 -2.32
C THR D 83 -27.48 -9.86 -1.03
N VAL D 84 -26.42 -10.55 -0.65
CA VAL D 84 -25.53 -10.08 0.40
C VAL D 84 -24.11 -10.11 -0.14
N PHE D 85 -23.26 -9.19 0.34
CA PHE D 85 -21.90 -9.10 -0.17
C PHE D 85 -20.85 -9.65 0.79
N ALA D 86 -20.42 -10.88 0.54
CA ALA D 86 -19.43 -11.54 1.41
C ALA D 86 -18.14 -10.75 1.50
N GLY D 87 -17.62 -10.63 2.72
CA GLY D 87 -16.34 -9.97 2.95
C GLY D 87 -16.48 -8.47 3.11
N GLN D 88 -17.51 -7.89 2.49
CA GLN D 88 -17.71 -6.44 2.56
C GLN D 88 -18.79 -6.08 3.57
N ASP D 89 -19.91 -6.80 3.52
CA ASP D 89 -20.99 -6.64 4.47
C ASP D 89 -21.02 -7.90 5.34
N LYS D 90 -19.99 -8.03 6.17
CA LYS D 90 -19.70 -9.26 6.90
C LYS D 90 -20.82 -9.72 7.81
N GLU D 91 -21.39 -8.78 8.56
CA GLU D 91 -22.50 -9.10 9.46
C GLU D 91 -23.75 -9.48 8.68
N ALA D 92 -23.89 -8.88 7.50
CA ALA D 92 -25.04 -9.16 6.67
C ALA D 92 -24.99 -10.58 6.15
N THR D 93 -23.85 -11.01 5.63
CA THR D 93 -23.76 -12.35 5.06
C THR D 93 -23.65 -13.42 6.14
N ALA D 94 -23.14 -13.05 7.31
CA ALA D 94 -23.08 -13.99 8.44
C ALA D 94 -24.48 -14.21 8.99
N LYS D 95 -25.30 -13.17 8.98
CA LYS D 95 -26.68 -13.28 9.42
C LYS D 95 -27.46 -14.18 8.46
N MET D 96 -27.30 -13.92 7.18
N MET D 96 -27.32 -13.93 7.17
CA MET D 96 -28.03 -14.67 6.15
CA MET D 96 -28.06 -14.69 6.17
C MET D 96 -27.63 -16.14 6.19
C MET D 96 -27.63 -16.15 6.20
N ARG D 97 -26.36 -16.39 6.49
CA ARG D 97 -25.84 -17.75 6.49
C ARG D 97 -26.47 -18.61 7.57
N GLU D 98 -26.99 -17.97 8.61
CA GLU D 98 -27.67 -18.68 9.69
C GLU D 98 -28.98 -19.32 9.23
N TYR D 99 -29.56 -18.77 8.16
CA TYR D 99 -30.76 -19.33 7.55
C TYR D 99 -30.38 -20.40 6.53
N PHE D 100 -29.09 -20.72 6.47
CA PHE D 100 -28.55 -21.63 5.46
C PHE D 100 -27.98 -22.87 6.12
N THR D 101 -28.51 -23.21 7.28
CA THR D 101 -28.00 -24.37 8.01
C THR D 101 -28.08 -25.62 7.14
N GLY D 102 -26.98 -26.34 7.07
CA GLY D 102 -26.86 -27.49 6.18
C GLY D 102 -25.87 -27.22 5.07
N ALA D 103 -25.77 -25.96 4.66
CA ALA D 103 -24.81 -25.55 3.64
C ALA D 103 -23.53 -25.00 4.26
N ALA D 104 -22.40 -25.31 3.64
CA ALA D 104 -21.14 -24.73 4.03
C ALA D 104 -21.04 -23.31 3.48
N PRO D 105 -20.37 -22.42 4.21
CA PRO D 105 -20.17 -21.03 3.77
C PRO D 105 -19.15 -20.96 2.64
N SER D 106 -19.48 -20.26 1.57
CA SER D 106 -18.55 -20.04 0.47
C SER D 106 -19.06 -18.85 -0.34
N SER D 107 -18.23 -18.40 -1.28
CA SER D 107 -18.56 -17.22 -2.07
C SER D 107 -17.75 -17.19 -3.35
N PRO D 108 -18.40 -16.83 -4.46
CA PRO D 108 -19.83 -16.58 -4.47
C PRO D 108 -20.58 -17.88 -4.19
N SER D 109 -21.81 -17.78 -3.71
CA SER D 109 -22.67 -18.95 -3.61
C SER D 109 -24.09 -18.46 -3.83
N MET D 110 -25.03 -19.38 -4.04
CA MET D 110 -26.40 -18.98 -4.28
C MET D 110 -27.31 -19.96 -3.55
N ALA D 111 -28.42 -19.45 -3.03
CA ALA D 111 -29.40 -20.29 -2.35
C ALA D 111 -30.83 -19.98 -2.79
N LEU D 112 -31.65 -21.02 -2.91
CA LEU D 112 -33.07 -20.89 -3.22
C LEU D 112 -33.86 -21.17 -1.95
N LEU D 113 -34.84 -20.34 -1.66
CA LEU D 113 -35.61 -20.51 -0.44
C LEU D 113 -37.09 -20.58 -0.74
N LYS D 114 -37.80 -21.39 0.04
CA LYS D 114 -39.24 -21.30 0.13
C LYS D 114 -39.54 -20.72 1.51
N GLY D 115 -40.02 -19.49 1.55
CA GLY D 115 -40.19 -18.80 2.81
C GLY D 115 -38.82 -18.49 3.39
N LYS D 116 -38.51 -19.07 4.54
CA LYS D 116 -37.23 -18.85 5.23
CA LYS D 116 -37.20 -18.83 5.15
C LYS D 116 -36.36 -20.11 5.24
N GLU D 117 -36.86 -21.19 4.64
CA GLU D 117 -36.11 -22.44 4.59
C GLU D 117 -35.45 -22.68 3.24
N VAL D 118 -34.17 -23.02 3.26
CA VAL D 118 -33.42 -23.26 2.03
C VAL D 118 -33.76 -24.62 1.38
N VAL D 119 -34.06 -24.58 0.09
CA VAL D 119 -34.48 -25.78 -0.61
C VAL D 119 -33.51 -26.13 -1.74
N HIS D 120 -32.57 -25.23 -2.02
CA HIS D 120 -31.49 -25.53 -2.94
C HIS D 120 -30.27 -24.66 -2.68
N PHE D 121 -29.09 -25.23 -2.93
CA PHE D 121 -27.85 -24.50 -2.68
C PHE D 121 -26.82 -24.76 -3.77
N ILE D 122 -26.18 -23.68 -4.19
CA ILE D 122 -25.09 -23.77 -5.16
C ILE D 122 -23.83 -23.20 -4.55
N PRO D 123 -22.91 -24.07 -4.07
CA PRO D 123 -21.63 -23.66 -3.46
C PRO D 123 -20.67 -23.07 -4.49
N ARG D 124 -19.61 -22.42 -4.02
CA ARG D 124 -18.62 -21.86 -4.94
C ARG D 124 -18.10 -22.96 -5.86
N HIS D 125 -17.85 -24.15 -5.32
CA HIS D 125 -17.26 -25.21 -6.13
C HIS D 125 -18.23 -25.77 -7.19
N GLU D 126 -19.49 -25.36 -7.13
CA GLU D 126 -20.44 -25.70 -8.19
C GLU D 126 -20.57 -24.53 -9.16
N ILE D 127 -19.74 -23.51 -8.95
CA ILE D 127 -19.73 -22.30 -9.76
C ILE D 127 -18.36 -22.18 -10.43
N GLU D 128 -17.36 -21.98 -9.59
CA GLU D 128 -15.97 -21.98 -10.02
C GLU D 128 -15.67 -23.23 -10.82
N GLY D 129 -15.09 -23.07 -12.00
CA GLY D 129 -14.71 -24.19 -12.83
C GLY D 129 -15.88 -24.80 -13.58
N HIS D 130 -16.93 -24.01 -13.78
CA HIS D 130 -18.10 -24.49 -14.49
C HIS D 130 -18.51 -23.52 -15.59
N ASP D 131 -19.37 -23.99 -16.49
CA ASP D 131 -19.81 -23.19 -17.62
C ASP D 131 -21.05 -22.41 -17.24
N MET D 132 -21.26 -21.28 -17.91
CA MET D 132 -22.50 -20.53 -17.77
C MET D 132 -23.68 -21.47 -17.97
N GLU D 133 -23.51 -22.43 -18.88
CA GLU D 133 -24.58 -23.37 -19.21
C GLU D 133 -24.99 -24.21 -18.01
N GLU D 134 -24.05 -24.96 -17.45
CA GLU D 134 -24.34 -25.84 -16.32
C GLU D 134 -24.83 -25.09 -15.09
N ILE D 135 -24.33 -23.87 -14.89
CA ILE D 135 -24.73 -23.09 -13.73
C ILE D 135 -26.19 -22.67 -13.80
N MET D 136 -26.61 -22.04 -14.89
CA MET D 136 -28.02 -21.64 -14.97
C MET D 136 -28.93 -22.83 -15.27
N LYS D 137 -28.35 -23.88 -15.84
CA LYS D 137 -29.03 -25.16 -15.92
C LYS D 137 -29.30 -25.63 -14.50
N ASN D 138 -28.29 -25.51 -13.65
CA ASN D 138 -28.42 -25.77 -12.22
C ASN D 138 -29.53 -24.90 -11.64
N LEU D 139 -29.37 -23.60 -11.80
CA LEU D 139 -30.37 -22.62 -11.38
C LEU D 139 -31.78 -22.89 -11.89
N THR D 140 -31.94 -22.89 -13.21
CA THR D 140 -33.27 -23.00 -13.81
C THR D 140 -33.94 -24.29 -13.37
N ALA D 141 -33.19 -25.38 -13.37
CA ALA D 141 -33.70 -26.66 -12.90
C ALA D 141 -34.31 -26.46 -11.52
N ALA D 142 -33.51 -25.95 -10.60
CA ALA D 142 -33.98 -25.68 -9.24
C ALA D 142 -35.25 -24.83 -9.24
N PHE D 143 -35.31 -23.82 -10.11
CA PHE D 143 -36.51 -23.00 -10.24
C PHE D 143 -37.71 -23.88 -10.58
N ASP D 144 -37.52 -24.77 -11.56
CA ASP D 144 -38.59 -25.65 -12.01
C ASP D 144 -39.09 -26.53 -10.87
N ALA D 145 -38.16 -27.03 -10.06
CA ALA D 145 -38.49 -27.92 -8.96
C ALA D 145 -39.23 -27.21 -7.83
N HIS D 146 -38.96 -25.91 -7.65
CA HIS D 146 -39.44 -25.22 -6.46
C HIS D 146 -40.25 -23.94 -6.70
N CYS D 147 -40.02 -23.29 -7.83
CA CYS D 147 -40.66 -22.00 -8.09
C CYS D 147 -41.88 -22.11 -9.00
S SO4 E . 1.82 -1.64 22.55
O1 SO4 E . 0.39 -1.56 22.29
O2 SO4 E . 2.51 -0.78 21.61
O3 SO4 E . 2.10 -1.19 23.92
O4 SO4 E . 2.24 -3.03 22.40
S SO4 F . 3.84 10.26 21.15
O1 SO4 F . 2.74 11.09 20.69
O2 SO4 F . 4.35 9.49 20.01
O3 SO4 F . 4.87 11.16 21.69
O4 SO4 F . 3.42 9.30 22.18
S SO4 G . 19.12 21.13 36.13
O1 SO4 G . 17.73 20.97 35.69
O2 SO4 G . 19.76 22.13 35.30
O3 SO4 G . 19.17 21.57 37.52
O4 SO4 G . 19.81 19.84 36.02
S SO4 H . 8.56 -11.38 -11.40
O1 SO4 H . 7.80 -10.38 -10.62
O2 SO4 H . 8.97 -10.79 -12.67
O3 SO4 H . 9.76 -11.76 -10.64
O4 SO4 H . 7.74 -12.57 -11.63
S SO4 I . 0.16 8.89 -12.66
O1 SO4 I . -0.80 8.17 -13.50
O2 SO4 I . 1.52 8.39 -12.91
O3 SO4 I . 0.09 10.30 -12.98
O4 SO4 I . -0.17 8.68 -11.26
S SO4 J . 6.48 -0.63 -16.87
O1 SO4 J . 5.36 -0.33 -17.77
O2 SO4 J . 7.46 0.46 -17.01
O3 SO4 J . 6.00 -0.69 -15.49
O4 SO4 J . 7.11 -1.91 -17.20
S SO4 K . 11.92 -3.14 -9.58
O1 SO4 K . 10.97 -2.65 -10.57
O2 SO4 K . 12.85 -4.10 -10.20
O3 SO4 K . 12.72 -2.03 -9.06
O4 SO4 K . 11.18 -3.81 -8.51
S SO4 L . 9.76 8.44 -12.80
O1 SO4 L . 8.51 8.19 -12.08
O2 SO4 L . 9.73 7.83 -14.13
O3 SO4 L . 9.94 9.88 -12.88
O4 SO4 L . 10.89 7.82 -12.10
S SO4 M . 1.91 16.30 -7.56
O1 SO4 M . 1.10 16.99 -6.57
O2 SO4 M . 1.25 16.34 -8.87
O3 SO4 M . 3.18 17.00 -7.68
O4 SO4 M . 2.12 14.90 -7.17
S SO4 N . -16.71 -13.91 4.31
O1 SO4 N . -17.76 -12.93 4.57
O2 SO4 N . -15.71 -13.37 3.37
O3 SO4 N . -16.06 -14.23 5.58
O4 SO4 N . -17.29 -15.13 3.75
S SO4 O . -20.10 -5.10 8.70
O1 SO4 O . -21.14 -6.05 8.32
O2 SO4 O . -18.82 -5.49 8.11
O3 SO4 O . -20.49 -3.77 8.24
O4 SO4 O . -19.98 -5.07 10.16
S SO4 P . -10.26 -14.79 -7.26
O1 SO4 P . -11.36 -15.75 -7.30
O2 SO4 P . -9.36 -15.06 -8.37
O3 SO4 P . -10.76 -13.43 -7.37
O4 SO4 P . -9.54 -14.93 -5.99
#